data_5HB8
#
_entry.id   5HB8
#
_cell.length_a   94.660
_cell.length_b   94.660
_cell.length_c   115.510
_cell.angle_alpha   90.00
_cell.angle_beta   90.00
_cell.angle_gamma   120.00
#
_symmetry.space_group_name_H-M   'P 31 2 1'
#
loop_
_entity.id
_entity.type
_entity.pdbx_description
1 polymer 'Nucleoporin NUP53'
2 non-polymer 'SUCCINIC ACID'
3 non-polymer GLYCEROL
4 water water
#
_entity_poly.entity_id   1
_entity_poly.type   'polypeptide(L)'
_entity_poly.pdbx_seq_one_letter_code
;GPHMPTEVILRGYRNAQHQYAAINHYEQIAGRICEDYPREPPVESRRYKSELRDPAFTHRRALTPEERAKVNRAMSGEHW
VKVTFESAEAADKAVYSSPQLIQGHLVYAEYYKGVPPAQDEAIPD
;
_entity_poly.pdbx_strand_id   A,B,C,D
#
loop_
_chem_comp.id
_chem_comp.type
_chem_comp.name
_chem_comp.formula
GOL non-polymer GLYCEROL 'C3 H8 O3'
SIN non-polymer 'SUCCINIC ACID' 'C4 H6 O4'
#
# COMPACT_ATOMS: atom_id res chain seq x y z
N PRO A 2 8.06 -20.71 3.14
CA PRO A 2 6.76 -20.16 3.55
C PRO A 2 6.97 -18.99 4.49
N HIS A 3 6.90 -17.79 3.93
CA HIS A 3 7.37 -16.60 4.63
C HIS A 3 8.88 -16.70 4.75
N MET A 4 9.56 -16.61 3.62
CA MET A 4 11.00 -16.38 3.60
C MET A 4 11.26 -14.89 3.76
N PRO A 5 11.94 -14.45 4.82
CA PRO A 5 12.22 -13.02 4.96
C PRO A 5 13.02 -12.53 3.76
N THR A 6 12.67 -11.34 3.28
CA THR A 6 13.13 -10.87 1.98
C THR A 6 13.54 -9.41 2.11
N GLU A 7 14.78 -9.12 1.75
CA GLU A 7 15.38 -7.82 2.00
C GLU A 7 15.12 -6.87 0.84
N VAL A 8 14.86 -5.62 1.20
CA VAL A 8 14.53 -4.57 0.24
C VAL A 8 15.27 -3.29 0.64
N ILE A 9 15.74 -2.53 -0.36
N ILE A 9 15.71 -2.53 -0.36
CA ILE A 9 16.33 -1.21 -0.12
CA ILE A 9 16.32 -1.22 -0.14
C ILE A 9 15.25 -0.17 -0.37
C ILE A 9 15.26 -0.16 -0.37
N LEU A 10 15.12 0.77 0.58
CA LEU A 10 14.28 1.95 0.43
C LEU A 10 15.22 3.15 0.26
N ARG A 11 15.00 3.97 -0.76
CA ARG A 11 16.00 4.99 -1.09
C ARG A 11 15.32 6.23 -1.62
N GLY A 12 15.92 7.39 -1.31
CA GLY A 12 15.53 8.64 -1.94
C GLY A 12 15.06 9.71 -0.99
N TYR A 13 14.95 9.45 0.30
CA TYR A 13 14.42 10.46 1.20
C TYR A 13 15.50 11.49 1.58
N ARG A 14 15.05 12.54 2.28
CA ARG A 14 15.82 13.78 2.40
C ARG A 14 17.18 13.54 3.06
N ASN A 15 17.21 12.78 4.14
CA ASN A 15 18.42 12.57 4.92
C ASN A 15 18.09 11.49 5.95
N ALA A 16 19.07 11.15 6.78
CA ALA A 16 18.91 10.04 7.72
C ALA A 16 17.84 10.32 8.78
N GLN A 17 17.58 11.59 9.08
CA GLN A 17 16.56 11.94 10.04
C GLN A 17 15.16 11.79 9.48
N HIS A 18 15.02 11.35 8.23
CA HIS A 18 13.73 11.15 7.61
C HIS A 18 13.57 9.70 7.19
N GLN A 19 14.52 8.85 7.56
CA GLN A 19 14.43 7.41 7.32
C GLN A 19 13.14 6.83 7.89
N TYR A 20 12.72 7.34 9.04
CA TYR A 20 11.58 6.77 9.76
C TYR A 20 10.34 6.78 8.89
N ALA A 21 10.17 7.84 8.08
CA ALA A 21 8.94 7.97 7.31
C ALA A 21 8.89 6.98 6.16
N ALA A 22 10.04 6.72 5.54
CA ALA A 22 10.13 5.70 4.51
C ALA A 22 9.76 4.34 5.07
N ILE A 23 10.27 4.01 6.25
CA ILE A 23 9.98 2.73 6.87
C ILE A 23 8.50 2.61 7.21
N ASN A 24 7.95 3.64 7.87
CA ASN A 24 6.57 3.57 8.28
C ASN A 24 5.65 3.45 7.08
N HIS A 25 5.90 4.28 6.06
CA HIS A 25 5.03 4.34 4.89
C HIS A 25 5.04 3.02 4.14
N TYR A 26 6.22 2.45 3.91
CA TYR A 26 6.28 1.18 3.17
C TYR A 26 5.79 0.00 4.02
N GLU A 27 6.03 0.04 5.33
CA GLU A 27 5.51 -1.01 6.18
C GLU A 27 3.99 -1.03 6.11
N GLN A 28 3.36 0.16 6.10
CA GLN A 28 1.90 0.22 6.09
C GLN A 28 1.31 -0.21 4.76
N ILE A 29 2.03 -0.05 3.65
N ILE A 29 2.06 -0.02 3.66
CA ILE A 29 1.47 -0.47 2.38
CA ILE A 29 1.63 -0.44 2.32
C ILE A 29 1.88 -1.88 1.96
C ILE A 29 1.80 -1.93 2.15
N ALA A 30 2.95 -2.45 2.53
CA ALA A 30 3.44 -3.75 2.07
C ALA A 30 3.46 -4.83 3.13
N GLY A 31 3.63 -4.48 4.39
CA GLY A 31 3.67 -5.47 5.45
C GLY A 31 4.82 -5.23 6.40
N ARG A 32 4.81 -6.04 7.47
CA ARG A 32 5.75 -5.92 8.57
C ARG A 32 7.21 -5.90 8.11
N ILE A 33 7.93 -4.92 8.66
CA ILE A 33 9.37 -4.78 8.53
C ILE A 33 9.99 -5.25 9.85
N CYS A 34 10.98 -6.14 9.76
CA CYS A 34 11.45 -6.86 10.94
C CYS A 34 12.44 -6.05 11.77
N GLU A 35 13.14 -5.11 11.17
CA GLU A 35 14.04 -4.23 11.90
C GLU A 35 13.25 -3.43 12.92
N ASP A 36 13.94 -2.96 13.96
CA ASP A 36 13.31 -2.18 15.03
C ASP A 36 13.55 -0.68 14.85
N TYR A 37 13.87 -0.22 13.64
CA TYR A 37 14.14 1.19 13.44
C TYR A 37 12.89 2.02 13.77
N PRO A 38 13.06 3.27 14.17
CA PRO A 38 11.89 4.12 14.43
C PRO A 38 10.95 4.20 13.23
N ARG A 39 9.65 4.30 13.54
CA ARG A 39 8.64 4.61 12.54
C ARG A 39 8.10 6.02 12.70
N GLU A 40 8.59 6.77 13.68
N GLU A 40 8.60 6.76 13.68
CA GLU A 40 8.14 8.11 13.99
CA GLU A 40 8.14 8.11 14.00
C GLU A 40 9.36 8.98 14.26
C GLU A 40 9.36 8.96 14.27
N PRO A 41 9.22 10.29 14.28
CA PRO A 41 10.33 11.14 14.67
C PRO A 41 10.66 10.94 16.14
N PRO A 42 11.83 11.38 16.56
CA PRO A 42 12.20 11.23 17.97
C PRO A 42 11.20 11.88 18.90
N VAL A 43 11.00 11.25 20.05
CA VAL A 43 10.04 11.68 21.06
C VAL A 43 10.82 12.33 22.19
N GLU A 44 10.31 13.45 22.68
CA GLU A 44 10.99 14.19 23.72
C GLU A 44 10.76 13.53 25.05
N SER A 45 11.84 13.21 25.74
CA SER A 45 11.78 12.56 27.04
C SER A 45 13.01 12.98 27.84
N ARG A 46 12.81 13.22 29.13
CA ARG A 46 13.92 13.53 30.04
C ARG A 46 14.27 12.31 30.89
N ALA A 62 9.02 -11.72 18.61
CA ALA A 62 10.44 -11.98 18.43
C ALA A 62 10.73 -12.46 17.02
N LEU A 63 11.97 -12.25 16.58
CA LEU A 63 12.37 -12.67 15.25
C LEU A 63 12.60 -14.17 15.20
N THR A 64 12.31 -14.77 14.06
CA THR A 64 12.79 -16.10 13.77
C THR A 64 14.29 -16.03 13.50
N PRO A 65 14.98 -17.16 13.51
CA PRO A 65 16.40 -17.12 13.15
C PRO A 65 16.65 -16.58 11.75
N GLU A 66 15.77 -16.90 10.79
CA GLU A 66 15.91 -16.36 9.46
C GLU A 66 15.71 -14.86 9.45
N GLU A 67 14.70 -14.37 10.18
CA GLU A 67 14.49 -12.93 10.26
C GLU A 67 15.66 -12.26 10.94
N ARG A 68 16.13 -12.87 12.04
CA ARG A 68 17.22 -12.27 12.82
C ARG A 68 18.51 -12.24 12.01
N ALA A 69 18.80 -13.30 11.25
CA ALA A 69 20.02 -13.31 10.46
C ALA A 69 20.05 -12.17 9.45
N LYS A 70 18.91 -11.87 8.82
N LYS A 70 18.91 -11.86 8.83
CA LYS A 70 18.90 -10.78 7.85
CA LYS A 70 18.89 -10.77 7.86
C LYS A 70 18.83 -9.42 8.55
C LYS A 70 18.81 -9.41 8.54
N VAL A 71 18.09 -9.31 9.66
CA VAL A 71 18.05 -8.05 10.40
C VAL A 71 19.44 -7.65 10.87
N ASN A 72 20.25 -8.63 11.26
CA ASN A 72 21.56 -8.27 11.80
C ASN A 72 22.56 -7.86 10.73
N ARG A 73 22.33 -8.22 9.46
CA ARG A 73 23.08 -7.64 8.35
C ARG A 73 22.57 -6.24 8.05
N ALA A 74 22.76 -5.33 9.00
CA ALA A 74 22.19 -4.00 8.86
C ALA A 74 22.99 -3.16 7.88
N MET A 75 22.28 -2.39 7.05
CA MET A 75 22.93 -1.44 6.16
C MET A 75 22.07 -0.20 5.99
N SER A 76 22.71 0.96 5.91
CA SER A 76 21.99 2.17 5.56
C SER A 76 23.00 3.22 5.10
N GLY A 77 22.48 4.28 4.51
CA GLY A 77 23.25 5.48 4.23
C GLY A 77 22.47 6.72 4.56
N GLU A 78 22.90 7.84 4.01
CA GLU A 78 22.23 9.09 4.29
C GLU A 78 20.81 9.11 3.73
N HIS A 79 20.58 8.45 2.60
CA HIS A 79 19.33 8.56 1.88
C HIS A 79 18.74 7.21 1.54
N TRP A 80 19.17 6.14 2.21
CA TRP A 80 18.65 4.82 1.92
C TRP A 80 18.84 3.93 3.14
N VAL A 81 18.03 2.87 3.21
CA VAL A 81 18.09 1.91 4.30
C VAL A 81 17.67 0.56 3.75
N LYS A 82 18.34 -0.49 4.22
CA LYS A 82 17.94 -1.86 3.93
C LYS A 82 16.98 -2.34 5.00
N VAL A 83 15.84 -2.89 4.57
CA VAL A 83 14.85 -3.43 5.49
C VAL A 83 14.58 -4.89 5.10
N THR A 84 14.00 -5.63 6.05
CA THR A 84 13.69 -7.05 5.87
C THR A 84 12.18 -7.23 6.03
N PHE A 85 11.49 -7.52 4.93
CA PHE A 85 10.09 -7.89 5.07
C PHE A 85 10.01 -9.35 5.47
N GLU A 86 8.92 -9.72 6.10
CA GLU A 86 8.87 -11.05 6.67
C GLU A 86 8.58 -12.11 5.63
N SER A 87 8.25 -11.72 4.41
CA SER A 87 7.97 -12.67 3.34
C SER A 87 8.28 -12.05 1.99
N ALA A 88 8.39 -12.91 0.99
CA ALA A 88 8.63 -12.45 -0.37
C ALA A 88 7.43 -11.72 -0.92
N GLU A 89 6.22 -12.17 -0.59
CA GLU A 89 5.03 -11.49 -1.08
C GLU A 89 4.96 -10.07 -0.54
N ALA A 90 5.39 -9.85 0.70
CA ALA A 90 5.40 -8.47 1.22
C ALA A 90 6.44 -7.62 0.52
N ALA A 91 7.63 -8.16 0.32
CA ALA A 91 8.66 -7.47 -0.45
C ALA A 91 8.15 -7.13 -1.85
N ASP A 92 7.42 -8.06 -2.47
CA ASP A 92 6.88 -7.82 -3.80
C ASP A 92 5.94 -6.61 -3.82
N LYS A 93 5.08 -6.52 -2.80
CA LYS A 93 4.15 -5.40 -2.69
C LYS A 93 4.91 -4.09 -2.62
N ALA A 94 5.98 -4.05 -1.85
CA ALA A 94 6.74 -2.81 -1.70
C ALA A 94 7.33 -2.38 -3.05
N VAL A 95 7.99 -3.33 -3.75
CA VAL A 95 8.58 -3.01 -5.05
C VAL A 95 7.51 -2.62 -6.08
N TYR A 96 6.38 -3.33 -6.08
CA TYR A 96 5.30 -3.01 -7.03
C TYR A 96 4.77 -1.60 -6.85
N SER A 97 4.63 -1.15 -5.62
CA SER A 97 4.04 0.15 -5.33
C SER A 97 5.07 1.27 -5.34
N SER A 98 6.33 0.96 -5.63
CA SER A 98 7.36 1.96 -5.78
C SER A 98 7.27 2.67 -7.12
N PRO A 99 7.57 3.97 -7.16
CA PRO A 99 7.98 4.84 -6.08
C PRO A 99 6.76 5.39 -5.33
N GLN A 100 7.02 5.81 -4.10
CA GLN A 100 6.06 6.44 -3.21
C GLN A 100 6.51 7.87 -2.96
N LEU A 101 5.58 8.82 -3.07
CA LEU A 101 5.84 10.18 -2.63
C LEU A 101 5.69 10.23 -1.12
N ILE A 102 6.79 10.52 -0.44
CA ILE A 102 6.87 10.60 1.01
C ILE A 102 7.62 11.89 1.35
N GLN A 103 6.97 12.77 2.10
CA GLN A 103 7.60 13.98 2.61
C GLN A 103 8.41 14.70 1.51
N GLY A 104 7.76 14.86 0.37
CA GLY A 104 8.31 15.68 -0.70
C GLY A 104 9.38 15.01 -1.53
N HIS A 105 9.61 13.71 -1.31
CA HIS A 105 10.64 12.97 -2.04
C HIS A 105 10.04 11.72 -2.66
N LEU A 106 10.62 11.28 -3.76
CA LEU A 106 10.27 10.00 -4.34
C LEU A 106 11.15 8.94 -3.70
N VAL A 107 10.52 8.00 -3.01
CA VAL A 107 11.23 6.96 -2.29
C VAL A 107 10.95 5.67 -3.01
N TYR A 108 12.01 5.07 -3.58
CA TYR A 108 11.91 3.83 -4.32
C TYR A 108 12.21 2.67 -3.41
N ALA A 109 11.63 1.53 -3.76
CA ALA A 109 11.85 0.23 -3.15
C ALA A 109 12.36 -0.72 -4.21
N GLU A 110 13.47 -1.40 -3.90
CA GLU A 110 14.05 -2.34 -4.84
C GLU A 110 14.59 -3.53 -4.05
N TYR A 111 14.59 -4.69 -4.69
CA TYR A 111 15.06 -5.87 -3.99
C TYR A 111 16.55 -5.70 -3.67
N TYR A 112 16.93 -6.11 -2.47
CA TYR A 112 18.31 -6.07 -2.04
C TYR A 112 19.09 -7.22 -2.69
N LYS A 113 20.28 -6.89 -3.23
CA LYS A 113 21.17 -7.84 -3.90
C LYS A 113 22.53 -7.88 -3.23
N GLY A 114 22.56 -7.70 -1.92
CA GLY A 114 23.79 -7.92 -1.18
C GLY A 114 24.76 -6.77 -1.24
N VAL A 115 24.39 -5.66 -1.86
CA VAL A 115 25.24 -4.49 -1.98
C VAL A 115 24.41 -3.23 -1.77
N PRO A 116 25.06 -2.10 -1.50
CA PRO A 116 24.33 -0.83 -1.40
C PRO A 116 23.78 -0.42 -2.75
N PRO A 117 22.80 0.48 -2.78
CA PRO A 117 22.28 0.91 -4.07
C PRO A 117 23.30 1.75 -4.82
N ALA A 118 23.32 1.60 -6.15
CA ALA A 118 24.09 2.48 -7.01
C ALA A 118 23.44 3.84 -7.17
N GLN A 119 22.23 4.02 -6.64
CA GLN A 119 21.53 5.29 -6.63
C GLN A 119 21.28 5.60 -5.15
N ASP A 120 22.07 6.53 -4.58
CA ASP A 120 22.14 6.73 -3.13
C ASP A 120 21.99 8.21 -2.75
N GLU A 121 21.23 8.95 -3.53
CA GLU A 121 21.00 10.37 -3.31
C GLU A 121 19.55 10.58 -2.91
N ALA A 122 19.28 11.77 -2.36
CA ALA A 122 17.91 12.22 -2.18
C ALA A 122 17.28 12.45 -3.55
N ILE A 123 15.99 12.17 -3.66
CA ILE A 123 15.26 12.38 -4.92
C ILE A 123 14.08 13.30 -4.62
N PRO A 124 14.26 14.62 -4.63
CA PRO A 124 13.13 15.51 -4.35
C PRO A 124 12.06 15.36 -5.42
N ASP A 125 10.80 15.50 -5.00
CA ASP A 125 9.70 15.40 -5.96
C ASP A 125 9.59 16.66 -6.81
N PRO B 2 -16.39 -9.11 10.39
CA PRO B 2 -16.44 -7.65 10.47
C PRO B 2 -16.21 -6.99 9.11
N HIS B 3 -16.66 -7.66 8.04
CA HIS B 3 -16.47 -7.17 6.68
C HIS B 3 -17.67 -6.29 6.33
N MET B 4 -17.58 -5.01 6.67
CA MET B 4 -18.60 -4.03 6.35
C MET B 4 -18.14 -3.29 5.10
N PRO B 5 -18.75 -3.49 3.93
CA PRO B 5 -18.30 -2.76 2.73
C PRO B 5 -18.29 -1.26 2.98
N THR B 6 -17.21 -0.60 2.58
CA THR B 6 -17.01 0.82 2.89
C THR B 6 -16.54 1.61 1.67
N GLU B 7 -17.25 2.69 1.40
CA GLU B 7 -17.10 3.47 0.18
C GLU B 7 -16.12 4.62 0.36
N VAL B 8 -15.33 4.86 -0.70
CA VAL B 8 -14.23 5.82 -0.74
C VAL B 8 -14.29 6.53 -2.08
N ILE B 9 -13.95 7.82 -2.11
CA ILE B 9 -13.76 8.59 -3.34
C ILE B 9 -12.26 8.67 -3.63
N LEU B 10 -11.86 8.28 -4.83
CA LEU B 10 -10.51 8.53 -5.35
C LEU B 10 -10.60 9.70 -6.33
N ARG B 11 -9.75 10.72 -6.15
CA ARG B 11 -9.85 11.96 -6.92
C ARG B 11 -8.48 12.55 -7.21
N GLY B 12 -8.35 13.19 -8.37
CA GLY B 12 -7.17 13.97 -8.71
C GLY B 12 -6.47 13.55 -9.98
N TYR B 13 -6.85 12.43 -10.57
CA TYR B 13 -6.13 11.97 -11.75
C TYR B 13 -6.52 12.79 -12.99
N ARG B 14 -5.78 12.54 -14.09
CA ARG B 14 -5.74 13.49 -15.21
C ARG B 14 -7.09 13.64 -15.91
N ASN B 15 -7.77 12.53 -16.16
CA ASN B 15 -9.04 12.55 -16.88
C ASN B 15 -9.65 11.16 -16.76
N ALA B 16 -10.82 10.98 -17.36
CA ALA B 16 -11.55 9.73 -17.16
C ALA B 16 -10.82 8.54 -17.77
N GLN B 17 -9.97 8.76 -18.76
CA GLN B 17 -9.20 7.68 -19.36
C GLN B 17 -8.05 7.23 -18.47
N HIS B 18 -7.82 7.89 -17.34
CA HIS B 18 -6.79 7.50 -16.37
C HIS B 18 -7.37 7.06 -15.04
N GLN B 19 -8.69 6.92 -14.97
CA GLN B 19 -9.34 6.32 -13.79
C GLN B 19 -8.76 4.96 -13.43
N TYR B 20 -8.45 4.14 -14.46
CA TYR B 20 -8.04 2.76 -14.19
C TYR B 20 -6.83 2.71 -13.29
N ALA B 21 -5.93 3.68 -13.42
CA ALA B 21 -4.66 3.64 -12.68
C ALA B 21 -4.88 3.93 -11.21
N ALA B 22 -5.82 4.83 -10.93
CA ALA B 22 -6.18 5.12 -9.54
C ALA B 22 -6.78 3.89 -8.87
N ILE B 23 -7.67 3.21 -9.57
CA ILE B 23 -8.32 2.02 -9.02
C ILE B 23 -7.29 0.92 -8.79
N ASN B 24 -6.47 0.64 -9.79
CA ASN B 24 -5.50 -0.43 -9.62
C ASN B 24 -4.51 -0.10 -8.51
N HIS B 25 -4.03 1.12 -8.48
CA HIS B 25 -3.02 1.49 -7.49
C HIS B 25 -3.56 1.37 -6.07
N TYR B 26 -4.74 1.95 -5.82
CA TYR B 26 -5.31 1.88 -4.49
C TYR B 26 -5.79 0.47 -4.13
N GLU B 27 -6.31 -0.30 -5.10
CA GLU B 27 -6.64 -1.69 -4.80
C GLU B 27 -5.42 -2.46 -4.34
N GLN B 28 -4.28 -2.19 -4.97
CA GLN B 28 -3.08 -2.96 -4.63
C GLN B 28 -2.53 -2.58 -3.24
N ILE B 29 -2.75 -1.33 -2.83
N ILE B 29 -2.74 -1.34 -2.78
CA ILE B 29 -2.29 -0.82 -1.54
CA ILE B 29 -2.20 -0.95 -1.48
C ILE B 29 -3.21 -1.27 -0.42
C ILE B 29 -3.21 -1.10 -0.34
N ALA B 30 -4.52 -1.15 -0.62
CA ALA B 30 -5.51 -1.20 0.44
C ALA B 30 -6.38 -2.46 0.47
N GLY B 31 -6.65 -3.09 -0.66
CA GLY B 31 -7.53 -4.24 -0.67
C GLY B 31 -8.50 -4.24 -1.82
N ARG B 32 -9.17 -5.37 -2.00
CA ARG B 32 -10.10 -5.55 -3.10
C ARG B 32 -11.10 -4.41 -3.19
N ILE B 33 -11.24 -3.89 -4.41
CA ILE B 33 -12.31 -2.97 -4.76
C ILE B 33 -13.41 -3.79 -5.45
N CYS B 34 -14.66 -3.59 -5.02
CA CYS B 34 -15.75 -4.47 -5.47
C CYS B 34 -16.26 -4.14 -6.87
N GLU B 35 -16.21 -2.89 -7.29
CA GLU B 35 -16.58 -2.51 -8.66
C GLU B 35 -15.73 -3.25 -9.69
N ASP B 36 -16.30 -3.42 -10.89
CA ASP B 36 -15.68 -4.16 -11.99
C ASP B 36 -15.00 -3.23 -13.01
N TYR B 37 -14.71 -2.00 -12.61
CA TYR B 37 -14.07 -1.03 -13.50
C TYR B 37 -12.72 -1.56 -13.97
N PRO B 38 -12.25 -1.16 -15.17
CA PRO B 38 -10.93 -1.61 -15.61
C PRO B 38 -9.82 -1.17 -14.68
N ARG B 39 -8.82 -2.03 -14.56
CA ARG B 39 -7.58 -1.81 -13.81
C ARG B 39 -6.43 -1.52 -14.74
N GLU B 40 -6.65 -1.55 -16.04
N GLU B 40 -6.67 -1.54 -16.05
CA GLU B 40 -5.63 -1.36 -17.04
CA GLU B 40 -5.67 -1.43 -17.08
C GLU B 40 -6.19 -0.50 -18.16
C GLU B 40 -6.20 -0.52 -18.17
N PRO B 41 -5.33 0.00 -19.04
CA PRO B 41 -5.81 0.74 -20.20
C PRO B 41 -6.56 -0.18 -21.13
N PRO B 42 -7.31 0.39 -22.08
CA PRO B 42 -8.06 -0.44 -23.04
C PRO B 42 -7.13 -1.38 -23.80
N VAL B 43 -7.61 -2.60 -24.02
CA VAL B 43 -6.89 -3.64 -24.75
C VAL B 43 -7.42 -3.66 -26.17
N GLU B 44 -6.52 -3.75 -27.13
CA GLU B 44 -6.92 -3.77 -28.53
C GLU B 44 -7.47 -5.15 -28.92
N SER B 45 -8.71 -5.15 -29.39
CA SER B 45 -9.36 -6.36 -29.87
C SER B 45 -10.20 -6.01 -31.09
N ARG B 46 -10.34 -6.99 -31.98
CA ARG B 46 -11.18 -6.83 -33.15
C ARG B 46 -12.47 -7.62 -32.97
N ALA B 62 -18.67 -12.06 -7.79
CA ALA B 62 -18.72 -12.75 -6.51
C ALA B 62 -18.96 -11.77 -5.37
N LEU B 63 -20.14 -11.15 -5.36
CA LEU B 63 -20.47 -10.10 -4.39
C LEU B 63 -21.49 -10.61 -3.37
N THR B 64 -21.35 -10.15 -2.14
CA THR B 64 -22.39 -10.30 -1.13
C THR B 64 -23.50 -9.29 -1.40
N PRO B 65 -24.67 -9.46 -0.76
CA PRO B 65 -25.75 -8.48 -0.96
C PRO B 65 -25.36 -7.07 -0.53
N GLU B 66 -24.61 -6.92 0.57
CA GLU B 66 -24.20 -5.61 1.04
C GLU B 66 -23.25 -4.95 0.04
N GLU B 67 -22.25 -5.70 -0.43
CA GLU B 67 -21.34 -5.21 -1.46
C GLU B 67 -22.12 -4.83 -2.72
N ARG B 68 -22.96 -5.73 -3.22
CA ARG B 68 -23.72 -5.49 -4.44
C ARG B 68 -24.54 -4.21 -4.35
N ALA B 69 -25.17 -3.98 -3.19
CA ALA B 69 -26.02 -2.81 -3.02
C ALA B 69 -25.25 -1.51 -3.24
N LYS B 70 -24.03 -1.43 -2.71
N LYS B 70 -24.03 -1.43 -2.70
CA LYS B 70 -23.24 -0.21 -2.87
CA LYS B 70 -23.23 -0.22 -2.85
C LYS B 70 -22.58 -0.12 -4.23
C LYS B 70 -22.61 -0.12 -4.25
N VAL B 71 -22.22 -1.26 -4.83
CA VAL B 71 -21.51 -1.24 -6.11
C VAL B 71 -22.41 -0.69 -7.21
N ASN B 72 -23.71 -1.01 -7.15
CA ASN B 72 -24.63 -0.66 -8.23
C ASN B 72 -25.00 0.81 -8.24
N ARG B 73 -24.73 1.55 -7.16
CA ARG B 73 -24.89 3.00 -7.20
C ARG B 73 -23.60 3.62 -7.74
N ALA B 74 -23.36 3.41 -9.03
CA ALA B 74 -22.07 3.82 -9.61
C ALA B 74 -21.99 5.34 -9.66
N MET B 75 -20.82 5.88 -9.33
CA MET B 75 -20.61 7.33 -9.36
C MET B 75 -19.20 7.64 -9.84
N SER B 76 -19.10 8.56 -10.81
CA SER B 76 -17.77 8.99 -11.22
C SER B 76 -17.90 10.31 -11.94
N GLY B 77 -16.78 11.02 -12.02
CA GLY B 77 -16.65 12.18 -12.86
C GLY B 77 -15.47 12.04 -13.78
N GLU B 78 -14.93 13.19 -14.17
CA GLU B 78 -13.79 13.22 -15.06
C GLU B 78 -12.50 12.96 -14.30
N HIS B 79 -12.46 13.33 -13.02
CA HIS B 79 -11.24 13.25 -12.23
C HIS B 79 -11.47 12.55 -10.90
N TRP B 80 -12.60 11.83 -10.76
CA TRP B 80 -12.87 11.15 -9.51
C TRP B 80 -13.77 9.95 -9.75
N VAL B 81 -13.70 8.99 -8.82
CA VAL B 81 -14.53 7.79 -8.92
C VAL B 81 -14.83 7.30 -7.52
N LYS B 82 -16.05 6.79 -7.32
CA LYS B 82 -16.43 6.16 -6.06
C LYS B 82 -16.17 4.66 -6.14
N VAL B 83 -15.42 4.13 -5.17
CA VAL B 83 -15.16 2.70 -5.08
C VAL B 83 -15.63 2.18 -3.73
N THR B 84 -15.85 0.88 -3.66
CA THR B 84 -16.32 0.19 -2.46
C THR B 84 -15.28 -0.86 -2.07
N PHE B 85 -14.69 -0.69 -0.91
CA PHE B 85 -13.81 -1.70 -0.33
C PHE B 85 -14.64 -2.73 0.44
N GLU B 86 -14.05 -3.89 0.67
CA GLU B 86 -14.75 -4.99 1.35
C GLU B 86 -15.02 -4.71 2.81
N SER B 87 -14.25 -3.83 3.42
CA SER B 87 -14.31 -3.68 4.86
C SER B 87 -13.92 -2.26 5.21
N ALA B 88 -14.30 -1.85 6.41
CA ALA B 88 -13.89 -0.54 6.90
C ALA B 88 -12.38 -0.46 7.04
N GLU B 89 -11.75 -1.58 7.41
CA GLU B 89 -10.30 -1.59 7.60
C GLU B 89 -9.59 -1.32 6.28
N ALA B 90 -10.07 -1.92 5.21
CA ALA B 90 -9.45 -1.68 3.91
C ALA B 90 -9.63 -0.24 3.45
N ALA B 91 -10.82 0.31 3.65
CA ALA B 91 -11.06 1.72 3.32
C ALA B 91 -10.13 2.61 4.12
N ASP B 92 -9.92 2.24 5.40
CA ASP B 92 -9.00 2.98 6.26
C ASP B 92 -7.59 2.96 5.69
N LYS B 93 -7.14 1.82 5.15
CA LYS B 93 -5.81 1.72 4.56
C LYS B 93 -5.67 2.66 3.37
N ALA B 94 -6.72 2.81 2.57
CA ALA B 94 -6.67 3.70 1.41
C ALA B 94 -6.56 5.15 1.84
N VAL B 95 -7.35 5.57 2.83
CA VAL B 95 -7.29 6.96 3.28
C VAL B 95 -5.96 7.23 4.01
N TYR B 96 -5.49 6.27 4.80
CA TYR B 96 -4.20 6.46 5.49
C TYR B 96 -3.05 6.70 4.53
N SER B 97 -3.02 5.97 3.42
CA SER B 97 -1.90 6.07 2.50
C SER B 97 -2.13 7.17 1.44
N SER B 98 -3.17 7.97 1.60
CA SER B 98 -3.47 9.08 0.70
C SER B 98 -2.67 10.31 1.10
N PRO B 99 -2.21 11.15 0.14
CA PRO B 99 -2.29 10.97 -1.31
C PRO B 99 -1.28 10.01 -1.91
N GLN B 100 -1.59 9.51 -3.11
CA GLN B 100 -0.67 8.67 -3.87
C GLN B 100 -0.30 9.41 -5.14
N LEU B 101 1.00 9.43 -5.45
CA LEU B 101 1.45 9.94 -6.73
C LEU B 101 1.23 8.86 -7.76
N ILE B 102 0.35 9.12 -8.71
CA ILE B 102 -0.05 8.21 -9.77
C ILE B 102 0.00 8.97 -11.08
N GLN B 103 0.85 8.51 -12.00
CA GLN B 103 0.89 9.08 -13.35
C GLN B 103 0.93 10.62 -13.32
N GLY B 104 1.89 11.15 -12.56
CA GLY B 104 2.12 12.60 -12.48
C GLY B 104 1.06 13.39 -11.77
N HIS B 105 0.15 12.71 -11.07
CA HIS B 105 -0.92 13.40 -10.35
C HIS B 105 -0.99 12.92 -8.92
N LEU B 106 -1.51 13.80 -8.05
CA LEU B 106 -1.80 13.46 -6.67
C LEU B 106 -3.22 12.95 -6.59
N VAL B 107 -3.37 11.68 -6.25
CA VAL B 107 -4.67 11.06 -6.17
C VAL B 107 -4.98 10.80 -4.71
N TYR B 108 -6.02 11.49 -4.22
CA TYR B 108 -6.45 11.41 -2.83
C TYR B 108 -7.54 10.37 -2.68
N ALA B 109 -7.59 9.78 -1.50
CA ALA B 109 -8.67 8.87 -1.09
C ALA B 109 -9.32 9.48 0.14
N GLU B 110 -10.63 9.58 0.10
CA GLU B 110 -11.42 10.17 1.17
C GLU B 110 -12.67 9.32 1.35
N TYR B 111 -13.14 9.25 2.59
CA TYR B 111 -14.36 8.52 2.88
C TYR B 111 -15.55 9.13 2.12
N TYR B 112 -16.34 8.26 1.49
CA TYR B 112 -17.56 8.69 0.84
C TYR B 112 -18.60 9.08 1.88
N LYS B 113 -19.25 10.22 1.65
CA LYS B 113 -20.25 10.76 2.57
C LYS B 113 -21.60 10.93 1.88
N GLY B 114 -21.89 10.11 0.87
CA GLY B 114 -23.21 10.14 0.26
C GLY B 114 -23.44 11.18 -0.81
N VAL B 115 -22.42 11.93 -1.21
CA VAL B 115 -22.54 12.89 -2.31
C VAL B 115 -21.25 12.92 -3.11
N PRO B 116 -21.26 13.40 -4.35
CA PRO B 116 -20.01 13.57 -5.08
C PRO B 116 -19.12 14.62 -4.43
N PRO B 117 -17.84 14.62 -4.78
CA PRO B 117 -16.94 15.67 -4.28
C PRO B 117 -17.35 17.02 -4.82
N ALA B 118 -17.05 18.06 -4.06
CA ALA B 118 -17.50 19.39 -4.46
C ALA B 118 -16.77 19.87 -5.71
N GLN B 119 -15.57 19.35 -5.98
N GLN B 119 -15.57 19.35 -5.96
CA GLN B 119 -14.79 19.75 -7.14
CA GLN B 119 -14.77 19.71 -7.12
C GLN B 119 -14.44 18.51 -7.96
C GLN B 119 -14.51 18.47 -7.96
N ASP B 120 -14.52 18.64 -9.28
CA ASP B 120 -14.11 17.60 -10.21
C ASP B 120 -12.89 18.20 -10.91
N GLU B 121 -11.69 17.96 -10.38
CA GLU B 121 -10.48 18.56 -10.95
C GLU B 121 -9.27 17.66 -10.82
N ALA B 122 -8.42 17.72 -11.83
CA ALA B 122 -7.10 17.09 -11.78
C ALA B 122 -6.20 17.84 -10.81
N ILE B 123 -5.30 17.10 -10.17
CA ILE B 123 -4.34 17.67 -9.24
C ILE B 123 -2.95 17.23 -9.71
N PRO B 124 -2.34 17.97 -10.63
CA PRO B 124 -1.02 17.59 -11.12
C PRO B 124 0.02 17.73 -10.01
N ASP B 125 0.99 16.83 -10.03
CA ASP B 125 2.05 16.89 -9.04
C ASP B 125 3.03 18.02 -9.38
N PRO C 2 10.88 19.06 37.60
CA PRO C 2 10.42 17.77 38.11
C PRO C 2 9.95 16.81 37.02
N HIS C 3 9.50 15.62 37.43
CA HIS C 3 9.02 14.57 36.56
C HIS C 3 7.91 13.83 37.30
N MET C 4 6.77 14.51 37.47
CA MET C 4 5.57 13.89 37.99
C MET C 4 4.72 13.41 36.82
N PRO C 5 4.53 12.12 36.61
CA PRO C 5 3.69 11.67 35.48
C PRO C 5 2.27 12.21 35.62
N THR C 6 1.70 12.64 34.49
CA THR C 6 0.46 13.43 34.52
C THR C 6 -0.52 12.95 33.44
N GLU C 7 -1.74 12.60 33.88
CA GLU C 7 -2.72 11.94 33.02
C GLU C 7 -3.57 12.96 32.27
N VAL C 8 -3.86 12.66 31.01
CA VAL C 8 -4.57 13.55 30.10
C VAL C 8 -5.56 12.72 29.31
N ILE C 9 -6.75 13.25 29.04
CA ILE C 9 -7.71 12.63 28.12
C ILE C 9 -7.56 13.23 26.73
N LEU C 10 -7.41 12.37 25.71
CA LEU C 10 -7.51 12.78 24.32
C LEU C 10 -8.87 12.32 23.81
N ARG C 11 -9.63 13.20 23.16
CA ARG C 11 -11.00 12.86 22.82
C ARG C 11 -11.39 13.52 21.50
N GLY C 12 -12.22 12.81 20.73
CA GLY C 12 -12.92 13.39 19.58
C GLY C 12 -12.63 12.70 18.26
N TYR C 13 -11.80 11.68 18.21
CA TYR C 13 -11.45 11.04 16.95
C TYR C 13 -12.53 10.06 16.51
N ARG C 14 -12.38 9.55 15.27
CA ARG C 14 -13.47 8.93 14.52
C ARG C 14 -14.03 7.72 15.25
N ASN C 15 -13.16 6.88 15.80
CA ASN C 15 -13.55 5.64 16.46
C ASN C 15 -12.29 5.03 17.06
N ALA C 16 -12.44 3.88 17.71
CA ALA C 16 -11.35 3.30 18.46
C ALA C 16 -10.24 2.78 17.56
N GLN C 17 -10.55 2.50 16.30
CA GLN C 17 -9.52 2.14 15.33
C GLN C 17 -8.71 3.35 14.86
N HIS C 18 -9.02 4.54 15.37
CA HIS C 18 -8.25 5.72 15.04
C HIS C 18 -7.62 6.37 16.27
N GLN C 19 -7.67 5.71 17.41
CA GLN C 19 -6.96 6.13 18.61
C GLN C 19 -5.46 6.34 18.37
N TYR C 20 -4.84 5.48 17.56
CA TYR C 20 -3.41 5.55 17.39
C TYR C 20 -2.98 6.94 16.91
N ALA C 21 -3.79 7.58 16.08
CA ALA C 21 -3.37 8.83 15.48
C ALA C 21 -3.37 9.95 16.50
N ALA C 22 -4.33 9.92 17.41
CA ALA C 22 -4.39 10.91 18.47
C ALA C 22 -3.20 10.77 19.39
N ILE C 23 -2.86 9.53 19.75
CA ILE C 23 -1.68 9.28 20.58
C ILE C 23 -0.42 9.75 19.88
N ASN C 24 -0.22 9.33 18.64
CA ASN C 24 1.03 9.70 17.98
C ASN C 24 1.14 11.21 17.79
N HIS C 25 0.04 11.85 17.39
CA HIS C 25 0.05 13.27 17.07
C HIS C 25 0.34 14.09 18.32
N TYR C 26 -0.32 13.77 19.45
CA TYR C 26 -0.04 14.51 20.68
C TYR C 26 1.31 14.15 21.27
N GLU C 27 1.76 12.90 21.16
CA GLU C 27 3.10 12.59 21.65
C GLU C 27 4.14 13.43 20.93
N GLN C 28 3.97 13.61 19.62
CA GLN C 28 4.95 14.35 18.84
C GLN C 28 4.95 15.84 19.16
N ILE C 29 3.81 16.35 19.60
N ILE C 29 3.84 16.38 19.62
CA ILE C 29 3.71 17.76 19.96
CA ILE C 29 3.82 17.81 19.93
C ILE C 29 4.20 18.02 21.37
C ILE C 29 4.04 18.12 21.42
N ALA C 30 3.85 17.16 22.32
CA ALA C 30 3.93 17.47 23.75
C ALA C 30 4.99 16.70 24.51
N GLY C 31 5.32 15.48 24.08
CA GLY C 31 6.30 14.66 24.75
C GLY C 31 5.86 13.23 24.96
N ARG C 32 6.74 12.42 25.56
CA ARG C 32 6.54 10.98 25.64
C ARG C 32 5.24 10.62 26.36
N ILE C 33 4.50 9.68 25.77
CA ILE C 33 3.36 9.05 26.43
C ILE C 33 3.80 7.67 26.92
N CYS C 34 3.45 7.34 28.16
CA CYS C 34 4.03 6.17 28.81
C CYS C 34 3.32 4.88 28.44
N GLU C 35 2.06 4.95 28.04
CA GLU C 35 1.34 3.76 27.61
C GLU C 35 1.98 3.18 26.36
N ASP C 36 1.81 1.88 26.15
CA ASP C 36 2.40 1.20 25.00
C ASP C 36 1.42 1.01 23.85
N TYR C 37 0.35 1.82 23.82
CA TYR C 37 -0.63 1.70 22.74
C TYR C 37 0.02 1.98 21.38
N PRO C 38 -0.53 1.41 20.31
CA PRO C 38 0.02 1.70 18.97
C PRO C 38 0.00 3.18 18.63
N ARG C 39 1.03 3.57 17.89
CA ARG C 39 1.15 4.90 17.30
C ARG C 39 0.85 4.88 15.82
N GLU C 40 0.57 3.70 15.26
N GLU C 40 0.60 3.69 15.24
CA GLU C 40 0.39 3.47 13.84
CA GLU C 40 0.37 3.52 13.82
C GLU C 40 -0.80 2.56 13.64
C GLU C 40 -0.79 2.56 13.63
N PRO C 41 -1.34 2.48 12.43
CA PRO C 41 -2.37 1.47 12.14
C PRO C 41 -1.78 0.08 12.25
N PRO C 42 -2.63 -0.94 12.31
CA PRO C 42 -2.13 -2.31 12.42
C PRO C 42 -1.32 -2.69 11.20
N VAL C 43 -0.30 -3.48 11.43
CA VAL C 43 0.66 -3.90 10.42
C VAL C 43 0.35 -5.33 10.04
N GLU C 44 0.37 -5.62 8.75
N GLU C 44 0.40 -5.61 8.76
CA GLU C 44 0.04 -6.95 8.27
CA GLU C 44 0.07 -6.93 8.26
C GLU C 44 1.22 -7.89 8.51
C GLU C 44 1.23 -7.88 8.50
N SER C 45 0.94 -9.03 9.11
CA SER C 45 1.94 -10.09 9.24
C SER C 45 1.22 -11.43 9.32
N ARG C 46 1.72 -12.40 8.56
CA ARG C 46 1.17 -13.76 8.62
C ARG C 46 1.34 -14.34 10.03
N ARG C 47 2.40 -13.96 10.73
CA ARG C 47 2.50 -14.08 12.19
C ARG C 47 3.86 -13.59 12.67
N ALA C 62 12.32 1.12 30.54
CA ALA C 62 11.09 0.73 31.21
C ALA C 62 10.45 1.94 31.90
N LEU C 63 9.45 1.67 32.73
CA LEU C 63 8.72 2.70 33.44
C LEU C 63 9.29 2.90 34.84
N THR C 64 8.98 4.06 35.41
CA THR C 64 9.13 4.24 36.84
C THR C 64 7.92 3.65 37.56
N PRO C 65 8.04 3.39 38.85
CA PRO C 65 6.85 2.94 39.61
C PRO C 65 5.70 3.93 39.53
N GLU C 66 6.00 5.23 39.54
CA GLU C 66 4.94 6.23 39.44
C GLU C 66 4.27 6.17 38.08
N GLU C 67 5.07 6.04 37.02
CA GLU C 67 4.52 5.92 35.68
C GLU C 67 3.72 4.63 35.54
N ARG C 68 4.29 3.50 35.98
CA ARG C 68 3.60 2.22 35.82
C ARG C 68 2.26 2.21 36.56
N ALA C 69 2.22 2.82 37.74
CA ALA C 69 0.97 2.86 38.49
C ALA C 69 -0.15 3.51 37.68
N LYS C 70 0.14 4.65 37.06
CA LYS C 70 -0.88 5.35 36.30
C LYS C 70 -1.17 4.62 34.99
N VAL C 71 -0.13 4.08 34.34
CA VAL C 71 -0.31 3.40 33.06
C VAL C 71 -1.26 2.21 33.20
N ASN C 72 -1.17 1.50 34.32
CA ASN C 72 -1.95 0.27 34.45
C ASN C 72 -3.41 0.54 34.71
N ARG C 73 -3.76 1.77 35.07
CA ARG C 73 -5.17 2.16 35.20
C ARG C 73 -5.68 2.60 33.84
N ALA C 74 -5.78 1.63 32.94
CA ALA C 74 -6.13 1.92 31.55
C ALA C 74 -7.57 2.37 31.45
N MET C 75 -7.82 3.36 30.60
CA MET C 75 -9.17 3.85 30.41
C MET C 75 -9.33 4.37 28.99
N SER C 76 -10.43 4.00 28.36
CA SER C 76 -10.70 4.45 27.00
C SER C 76 -12.16 4.17 26.67
N GLY C 77 -12.65 4.94 25.71
CA GLY C 77 -13.95 4.73 25.11
C GLY C 77 -13.79 4.57 23.62
N GLU C 78 -14.88 4.75 22.89
CA GLU C 78 -14.85 4.62 21.44
C GLU C 78 -14.21 5.82 20.78
N HIS C 79 -14.26 7.00 21.45
CA HIS C 79 -13.75 8.23 20.86
C HIS C 79 -12.80 8.99 21.78
N TRP C 80 -12.29 8.33 22.82
CA TRP C 80 -11.37 9.01 23.76
C TRP C 80 -10.46 7.98 24.43
N VAL C 81 -9.33 8.47 24.92
CA VAL C 81 -8.34 7.61 25.58
C VAL C 81 -7.62 8.42 26.64
N LYS C 82 -7.33 7.76 27.76
CA LYS C 82 -6.50 8.36 28.79
C LYS C 82 -5.04 7.95 28.54
N VAL C 83 -4.15 8.96 28.55
CA VAL C 83 -2.72 8.77 28.38
C VAL C 83 -2.00 9.41 29.56
N THR C 84 -0.75 8.98 29.76
CA THR C 84 0.10 9.45 30.85
C THR C 84 1.35 10.07 30.27
N PHE C 85 1.49 11.38 30.45
CA PHE C 85 2.73 12.02 30.08
C PHE C 85 3.70 11.89 31.23
N GLU C 86 4.99 12.03 30.92
CA GLU C 86 5.98 11.75 31.94
C GLU C 86 6.17 12.91 32.90
N SER C 87 5.65 14.09 32.60
CA SER C 87 5.78 15.23 33.49
C SER C 87 4.56 16.14 33.35
N ALA C 88 4.39 17.02 34.35
CA ALA C 88 3.36 18.04 34.27
C ALA C 88 3.60 18.95 33.07
N GLU C 89 4.87 19.22 32.77
CA GLU C 89 5.19 20.19 31.73
C GLU C 89 4.77 19.67 30.37
N ALA C 90 4.94 18.37 30.15
CA ALA C 90 4.50 17.76 28.88
C ALA C 90 2.98 17.72 28.78
N ALA C 91 2.30 17.31 29.85
CA ALA C 91 0.84 17.39 29.86
C ALA C 91 0.37 18.80 29.56
N ASP C 92 1.03 19.82 30.16
CA ASP C 92 0.64 21.19 29.91
C ASP C 92 0.75 21.53 28.43
N LYS C 93 1.79 21.02 27.78
CA LYS C 93 1.99 21.30 26.37
C LYS C 93 0.84 20.73 25.55
N ALA C 94 0.33 19.56 25.95
CA ALA C 94 -0.77 18.92 25.22
C ALA C 94 -2.04 19.74 25.36
N VAL C 95 -2.35 20.16 26.59
CA VAL C 95 -3.55 20.96 26.81
C VAL C 95 -3.41 22.33 26.13
N TYR C 96 -2.24 22.94 26.20
CA TYR C 96 -2.08 24.27 25.61
C TYR C 96 -2.35 24.25 24.10
N SER C 97 -1.90 23.22 23.42
CA SER C 97 -2.03 23.15 21.97
C SER C 97 -3.34 22.49 21.53
N SER C 98 -4.22 22.18 22.47
CA SER C 98 -5.51 21.60 22.16
C SER C 98 -6.48 22.69 21.69
N PRO C 99 -7.35 22.40 20.71
CA PRO C 99 -7.55 21.14 19.99
C PRO C 99 -6.60 21.01 18.80
N GLN C 100 -6.39 19.76 18.39
CA GLN C 100 -5.60 19.41 17.23
C GLN C 100 -6.49 18.82 16.15
N LEU C 101 -6.32 19.30 14.94
CA LEU C 101 -6.96 18.66 13.79
C LEU C 101 -6.18 17.41 13.44
N ILE C 102 -6.84 16.27 13.57
CA ILE C 102 -6.24 14.96 13.33
C ILE C 102 -7.24 14.16 12.50
N GLN C 103 -6.83 13.72 11.33
CA GLN C 103 -7.65 12.83 10.50
C GLN C 103 -9.09 13.32 10.41
N GLY C 104 -9.24 14.62 10.12
CA GLY C 104 -10.57 15.15 9.86
C GLY C 104 -11.41 15.35 11.09
N HIS C 105 -10.82 15.26 12.27
CA HIS C 105 -11.53 15.43 13.53
C HIS C 105 -10.78 16.38 14.43
N LEU C 106 -11.53 17.04 15.30
CA LEU C 106 -10.95 17.92 16.31
C LEU C 106 -10.73 17.10 17.55
N VAL C 107 -9.47 16.92 17.94
CA VAL C 107 -9.12 16.09 19.07
C VAL C 107 -8.61 16.98 20.18
N TYR C 108 -9.33 16.97 21.30
CA TYR C 108 -9.03 17.81 22.45
C TYR C 108 -8.18 17.05 23.45
N ALA C 109 -7.36 17.80 24.18
CA ALA C 109 -6.63 17.26 25.32
C ALA C 109 -7.06 18.03 26.57
N GLU C 110 -7.41 17.28 27.60
CA GLU C 110 -7.82 17.87 28.87
C GLU C 110 -7.23 17.04 30.00
N TYR C 111 -7.01 17.68 31.14
CA TYR C 111 -6.45 16.96 32.26
C TYR C 111 -7.45 15.90 32.75
N TYR C 112 -6.92 14.74 33.09
CA TYR C 112 -7.73 13.65 33.58
C TYR C 112 -8.02 13.92 35.04
N LYS C 113 -9.30 13.84 35.41
CA LYS C 113 -9.75 14.16 36.76
C LYS C 113 -10.49 12.99 37.39
N GLY C 114 -10.23 11.78 36.92
CA GLY C 114 -10.77 10.60 37.57
C GLY C 114 -12.05 10.07 36.98
N VAL C 115 -12.57 10.67 35.92
CA VAL C 115 -13.82 10.22 35.29
C VAL C 115 -13.68 10.37 33.79
N PRO C 116 -14.55 9.73 33.03
CA PRO C 116 -14.55 9.90 31.58
C PRO C 116 -15.00 11.29 31.20
N PRO C 117 -14.70 11.74 29.98
CA PRO C 117 -15.23 13.02 29.53
C PRO C 117 -16.74 12.97 29.42
N ALA C 118 -17.36 14.16 29.44
CA ALA C 118 -18.82 14.24 29.51
C ALA C 118 -19.49 13.34 28.46
N GLN C 119 -18.93 13.29 27.26
CA GLN C 119 -19.52 12.51 26.18
C GLN C 119 -18.44 11.74 25.44
N ASP C 120 -18.83 10.60 24.89
CA ASP C 120 -17.99 9.74 24.06
C ASP C 120 -18.47 9.93 22.64
N GLU C 121 -17.91 10.92 21.95
CA GLU C 121 -18.42 11.28 20.63
C GLU C 121 -17.28 11.76 19.77
N ALA C 122 -17.36 11.42 18.49
CA ALA C 122 -16.48 12.00 17.51
C ALA C 122 -16.81 13.48 17.36
N ILE C 123 -15.79 14.26 17.02
CA ILE C 123 -15.96 15.67 16.73
C ILE C 123 -15.40 15.90 15.33
N PRO C 124 -16.22 15.72 14.29
CA PRO C 124 -15.73 15.96 12.93
C PRO C 124 -15.40 17.42 12.66
N ASP C 125 -14.40 17.62 11.81
CA ASP C 125 -13.94 18.94 11.37
C ASP C 125 -14.87 19.56 10.35
N HIS D 3 -8.43 -13.47 -38.57
CA HIS D 3 -8.45 -13.56 -37.12
C HIS D 3 -8.22 -15.00 -36.67
N MET D 4 -6.97 -15.43 -36.82
CA MET D 4 -6.54 -16.75 -36.40
C MET D 4 -5.83 -16.64 -35.06
N PRO D 5 -6.34 -17.26 -33.99
CA PRO D 5 -5.61 -17.21 -32.70
C PRO D 5 -4.21 -17.78 -32.85
N THR D 6 -3.24 -17.06 -32.28
CA THR D 6 -1.83 -17.37 -32.53
C THR D 6 -1.07 -17.37 -31.21
N GLU D 7 -0.42 -18.49 -30.90
CA GLU D 7 0.21 -18.72 -29.61
C GLU D 7 1.65 -18.21 -29.62
N VAL D 8 2.05 -17.66 -28.48
CA VAL D 8 3.35 -17.01 -28.29
C VAL D 8 3.86 -17.37 -26.90
N ILE D 9 5.16 -17.59 -26.77
N ILE D 9 5.17 -17.58 -26.77
CA ILE D 9 5.81 -17.79 -25.47
CA ILE D 9 5.80 -17.78 -25.47
C ILE D 9 6.35 -16.45 -25.01
C ILE D 9 6.35 -16.45 -25.01
N LEU D 10 6.08 -16.08 -23.77
CA LEU D 10 6.73 -14.95 -23.11
C LEU D 10 7.67 -15.53 -22.05
N ARG D 11 8.93 -15.09 -22.02
CA ARG D 11 9.91 -15.76 -21.18
C ARG D 11 10.93 -14.77 -20.64
N GLY D 12 11.37 -15.03 -19.41
CA GLY D 12 12.53 -14.37 -18.85
C GLY D 12 12.26 -13.58 -17.59
N TYR D 13 11.04 -13.56 -17.09
CA TYR D 13 10.73 -12.78 -15.90
C TYR D 13 11.16 -13.54 -14.63
N ARG D 14 11.03 -12.86 -13.48
CA ARG D 14 11.78 -13.23 -12.28
C ARG D 14 11.38 -14.59 -11.73
N ASN D 15 10.08 -14.88 -11.73
CA ASN D 15 9.53 -16.12 -11.20
C ASN D 15 8.03 -16.13 -11.54
N ALA D 16 7.36 -17.21 -11.14
CA ALA D 16 5.96 -17.39 -11.53
C ALA D 16 5.05 -16.35 -10.90
N GLN D 17 5.47 -15.75 -9.78
CA GLN D 17 4.68 -14.72 -9.13
C GLN D 17 4.77 -13.38 -9.84
N HIS D 18 5.61 -13.26 -10.87
CA HIS D 18 5.73 -12.06 -11.69
C HIS D 18 5.30 -12.30 -13.14
N GLN D 19 4.68 -13.44 -13.42
CA GLN D 19 4.08 -13.73 -14.73
C GLN D 19 3.06 -12.67 -15.12
N TYR D 20 2.28 -12.20 -14.15
CA TYR D 20 1.20 -11.25 -14.46
C TYR D 20 1.75 -10.04 -15.22
N ALA D 21 2.96 -9.60 -14.87
CA ALA D 21 3.48 -8.37 -15.46
C ALA D 21 3.85 -8.57 -16.91
N ALA D 22 4.36 -9.77 -17.23
CA ALA D 22 4.73 -10.05 -18.62
C ALA D 22 3.49 -10.09 -19.49
N ILE D 23 2.41 -10.69 -18.98
CA ILE D 23 1.15 -10.76 -19.71
C ILE D 23 0.57 -9.37 -19.93
N ASN D 24 0.48 -8.60 -18.85
CA ASN D 24 -0.12 -7.27 -18.94
C ASN D 24 0.67 -6.39 -19.91
N HIS D 25 1.98 -6.37 -19.75
CA HIS D 25 2.82 -5.50 -20.57
C HIS D 25 2.69 -5.84 -22.05
N TYR D 26 2.81 -7.11 -22.39
CA TYR D 26 2.70 -7.51 -23.80
C TYR D 26 1.28 -7.36 -24.35
N GLU D 27 0.25 -7.60 -23.53
CA GLU D 27 -1.11 -7.34 -24.02
C GLU D 27 -1.29 -5.88 -24.39
N GLN D 28 -0.69 -5.01 -23.63
CA GLN D 28 -0.91 -3.58 -23.85
C GLN D 28 -0.16 -3.09 -25.07
N ILE D 29 0.97 -3.74 -25.40
N ILE D 29 0.95 -3.72 -25.44
CA ILE D 29 1.75 -3.42 -26.58
CA ILE D 29 1.64 -3.26 -26.65
C ILE D 29 1.12 -4.00 -27.83
C ILE D 29 1.27 -4.05 -27.89
N ALA D 30 0.68 -5.25 -27.76
CA ALA D 30 0.44 -6.10 -28.92
C ALA D 30 -1.03 -6.43 -29.19
N GLY D 31 -1.88 -6.50 -28.16
CA GLY D 31 -3.29 -6.80 -28.34
C GLY D 31 -3.76 -7.86 -27.36
N ARG D 32 -5.06 -8.15 -27.45
CA ARG D 32 -5.72 -9.01 -26.47
C ARG D 32 -5.08 -10.39 -26.39
N ILE D 33 -4.82 -10.82 -25.16
CA ILE D 33 -4.45 -12.19 -24.83
C ILE D 33 -5.71 -12.91 -24.36
N CYS D 34 -5.96 -14.10 -24.90
CA CYS D 34 -7.25 -14.74 -24.66
C CYS D 34 -7.32 -15.44 -23.31
N GLU D 35 -6.20 -15.90 -22.78
CA GLU D 35 -6.20 -16.53 -21.47
C GLU D 35 -6.71 -15.57 -20.40
N ASP D 36 -7.23 -16.14 -19.31
CA ASP D 36 -7.75 -15.35 -18.18
C ASP D 36 -6.74 -15.19 -17.03
N TYR D 37 -5.46 -15.37 -17.30
CA TYR D 37 -4.46 -15.24 -16.24
C TYR D 37 -4.48 -13.82 -15.65
N PRO D 38 -4.08 -13.64 -14.39
CA PRO D 38 -4.04 -12.29 -13.81
C PRO D 38 -3.12 -11.36 -14.59
N ARG D 39 -3.53 -10.09 -14.67
CA ARG D 39 -2.71 -9.01 -15.23
C ARG D 39 -2.14 -8.12 -14.14
N GLU D 40 -2.42 -8.44 -12.88
N GLU D 40 -2.44 -8.41 -12.89
CA GLU D 40 -2.04 -7.64 -11.72
CA GLU D 40 -2.02 -7.65 -11.72
C GLU D 40 -1.62 -8.60 -10.61
C GLU D 40 -1.54 -8.61 -10.65
N PRO D 41 -0.88 -8.10 -9.62
CA PRO D 41 -0.52 -8.94 -8.46
C PRO D 41 -1.75 -9.36 -7.68
N PRO D 42 -1.61 -10.33 -6.79
CA PRO D 42 -2.76 -10.76 -5.97
C PRO D 42 -3.37 -9.60 -5.20
N VAL D 43 -4.69 -9.63 -5.09
CA VAL D 43 -5.47 -8.65 -4.37
C VAL D 43 -5.87 -9.24 -3.02
N GLU D 44 -5.77 -8.43 -1.96
CA GLU D 44 -6.12 -8.87 -0.62
C GLU D 44 -7.64 -8.91 -0.46
N SER D 45 -8.17 -10.07 -0.11
CA SER D 45 -9.60 -10.25 0.06
C SER D 45 -9.83 -11.37 1.07
N ARG D 46 -10.84 -11.21 1.91
CA ARG D 46 -11.27 -12.29 2.78
C ARG D 46 -12.19 -13.27 2.08
N ARG D 47 -12.55 -12.99 0.82
CA ARG D 47 -13.60 -13.67 0.07
C ARG D 47 -14.38 -14.74 0.83
N ALA D 62 -15.63 -12.68 -25.05
CA ALA D 62 -15.82 -14.11 -24.83
C ALA D 62 -15.13 -14.93 -25.94
N LEU D 63 -14.82 -16.18 -25.64
CA LEU D 63 -13.91 -16.95 -26.47
C LEU D 63 -14.62 -17.61 -27.63
N THR D 64 -14.00 -17.51 -28.81
CA THR D 64 -14.43 -18.31 -29.93
C THR D 64 -14.02 -19.76 -29.68
N PRO D 65 -14.62 -20.72 -30.39
CA PRO D 65 -14.16 -22.11 -30.24
C PRO D 65 -12.68 -22.29 -30.54
N GLU D 66 -12.14 -21.59 -31.54
CA GLU D 66 -10.74 -21.81 -31.89
C GLU D 66 -9.83 -21.15 -30.86
N GLU D 67 -10.22 -19.99 -30.33
CA GLU D 67 -9.50 -19.41 -29.21
C GLU D 67 -9.52 -20.35 -28.01
N ARG D 68 -10.70 -20.86 -27.66
CA ARG D 68 -10.83 -21.68 -26.47
C ARG D 68 -10.01 -22.96 -26.58
N ALA D 69 -9.99 -23.58 -27.76
CA ALA D 69 -9.20 -24.79 -27.95
C ALA D 69 -7.73 -24.57 -27.61
N LYS D 70 -7.17 -23.40 -27.97
N LYS D 70 -7.17 -23.41 -27.97
CA LYS D 70 -5.77 -23.15 -27.65
CA LYS D 70 -5.77 -23.13 -27.67
C LYS D 70 -5.61 -22.68 -26.20
C LYS D 70 -5.60 -22.67 -26.22
N VAL D 71 -6.55 -21.87 -25.71
CA VAL D 71 -6.45 -21.37 -24.33
C VAL D 71 -6.41 -22.53 -23.34
N ASN D 72 -7.19 -23.58 -23.60
CA ASN D 72 -7.35 -24.66 -22.61
C ASN D 72 -6.15 -25.57 -22.52
N ARG D 73 -5.22 -25.53 -23.47
CA ARG D 73 -3.96 -26.26 -23.30
C ARG D 73 -2.95 -25.29 -22.70
N ALA D 74 -3.05 -25.14 -21.39
CA ALA D 74 -2.20 -24.21 -20.67
C ALA D 74 -0.80 -24.76 -20.52
N MET D 75 0.18 -23.89 -20.72
CA MET D 75 1.58 -24.24 -20.67
C MET D 75 2.31 -23.10 -19.98
N SER D 76 3.16 -23.45 -19.02
CA SER D 76 3.97 -22.45 -18.34
C SER D 76 5.05 -23.14 -17.53
N GLY D 77 6.10 -22.39 -17.23
CA GLY D 77 7.11 -22.76 -16.28
C GLY D 77 7.34 -21.69 -15.24
N GLU D 78 8.50 -21.71 -14.60
CA GLU D 78 8.78 -20.75 -13.55
C GLU D 78 9.05 -19.38 -14.13
N HIS D 79 9.53 -19.32 -15.37
CA HIS D 79 9.97 -18.06 -15.98
C HIS D 79 9.43 -17.88 -17.38
N TRP D 80 8.38 -18.60 -17.75
CA TRP D 80 7.82 -18.44 -19.09
C TRP D 80 6.37 -18.89 -19.07
N VAL D 81 5.59 -18.39 -20.02
CA VAL D 81 4.16 -18.68 -20.11
C VAL D 81 3.76 -18.64 -21.58
N LYS D 82 2.94 -19.62 -21.97
CA LYS D 82 2.31 -19.59 -23.28
C LYS D 82 1.02 -18.78 -23.22
N VAL D 83 0.89 -17.84 -24.15
CA VAL D 83 -0.32 -17.05 -24.29
C VAL D 83 -0.82 -17.15 -25.73
N THR D 84 -2.10 -16.84 -25.91
CA THR D 84 -2.80 -16.92 -27.18
C THR D 84 -3.31 -15.53 -27.55
N PHE D 85 -2.74 -14.95 -28.60
CA PHE D 85 -3.23 -13.70 -29.13
C PHE D 85 -4.40 -13.99 -30.06
N GLU D 86 -5.26 -13.00 -30.25
CA GLU D 86 -6.47 -13.27 -31.01
C GLU D 86 -6.25 -13.27 -32.52
N SER D 87 -5.07 -12.85 -32.99
CA SER D 87 -4.80 -12.83 -34.41
C SER D 87 -3.31 -13.01 -34.64
N ALA D 88 -2.97 -13.34 -35.88
CA ALA D 88 -1.57 -13.41 -36.27
C ALA D 88 -0.90 -12.05 -36.17
N GLU D 89 -1.61 -10.98 -36.54
CA GLU D 89 -1.00 -9.65 -36.50
C GLU D 89 -0.68 -9.23 -35.07
N ALA D 90 -1.53 -9.58 -34.12
CA ALA D 90 -1.22 -9.27 -32.72
C ALA D 90 0.02 -10.03 -32.27
N ALA D 91 0.10 -11.33 -32.58
CA ALA D 91 1.29 -12.10 -32.23
C ALA D 91 2.54 -11.52 -32.90
N ASP D 92 2.42 -11.10 -34.16
CA ASP D 92 3.57 -10.49 -34.83
C ASP D 92 4.04 -9.25 -34.11
N LYS D 93 3.07 -8.45 -33.62
CA LYS D 93 3.41 -7.23 -32.89
C LYS D 93 4.21 -7.55 -31.64
N ALA D 94 3.81 -8.59 -30.92
CA ALA D 94 4.53 -8.98 -29.71
C ALA D 94 5.97 -9.41 -30.04
N VAL D 95 6.13 -10.28 -31.05
CA VAL D 95 7.48 -10.73 -31.39
C VAL D 95 8.32 -9.57 -31.90
N TYR D 96 7.74 -8.73 -32.75
CA TYR D 96 8.49 -7.60 -33.31
C TYR D 96 9.05 -6.69 -32.22
N SER D 97 8.28 -6.41 -31.20
CA SER D 97 8.70 -5.51 -30.12
C SER D 97 9.50 -6.20 -29.04
N SER D 98 9.79 -7.51 -29.18
CA SER D 98 10.58 -8.24 -28.24
C SER D 98 12.09 -7.99 -28.44
N PRO D 99 12.90 -7.97 -27.36
CA PRO D 99 12.50 -8.10 -25.96
C PRO D 99 11.99 -6.81 -25.35
N GLN D 100 11.27 -6.98 -24.25
CA GLN D 100 10.72 -5.89 -23.47
C GLN D 100 11.36 -5.90 -22.10
N LEU D 101 11.80 -4.75 -21.64
CA LEU D 101 12.25 -4.62 -20.26
C LEU D 101 11.03 -4.54 -19.34
N ILE D 102 10.89 -5.52 -18.45
CA ILE D 102 9.73 -5.63 -17.56
C ILE D 102 10.27 -5.97 -16.18
N GLN D 103 9.98 -5.11 -15.20
CA GLN D 103 10.33 -5.37 -13.79
C GLN D 103 11.75 -5.91 -13.66
N GLY D 104 12.69 -5.19 -14.28
CA GLY D 104 14.09 -5.49 -14.12
C GLY D 104 14.56 -6.69 -14.90
N HIS D 105 13.73 -7.24 -15.79
CA HIS D 105 14.08 -8.41 -16.57
C HIS D 105 13.79 -8.18 -18.04
N LEU D 106 14.57 -8.86 -18.89
CA LEU D 106 14.36 -8.87 -20.32
C LEU D 106 13.41 -10.02 -20.65
N VAL D 107 12.23 -9.66 -21.12
CA VAL D 107 11.17 -10.63 -21.39
C VAL D 107 11.00 -10.73 -22.90
N TYR D 108 11.28 -11.90 -23.42
CA TYR D 108 11.22 -12.16 -24.85
C TYR D 108 9.88 -12.77 -25.22
N ALA D 109 9.46 -12.51 -26.47
CA ALA D 109 8.27 -13.11 -27.06
C ALA D 109 8.70 -13.85 -28.30
N GLU D 110 8.27 -15.10 -28.42
CA GLU D 110 8.60 -15.91 -29.58
C GLU D 110 7.39 -16.76 -29.94
N TYR D 111 7.22 -17.05 -31.22
CA TYR D 111 6.09 -17.87 -31.64
C TYR D 111 6.16 -19.24 -31.00
N TYR D 112 5.04 -19.71 -30.49
CA TYR D 112 4.96 -21.04 -29.92
C TYR D 112 4.89 -22.09 -31.01
N LYS D 113 5.72 -23.13 -30.88
CA LYS D 113 5.82 -24.20 -31.86
C LYS D 113 5.50 -25.54 -31.22
N GLY D 114 4.84 -25.53 -30.08
CA GLY D 114 4.50 -26.76 -29.39
C GLY D 114 5.51 -27.24 -28.38
N VAL D 115 6.62 -26.53 -28.20
CA VAL D 115 7.60 -26.97 -27.20
C VAL D 115 7.91 -25.84 -26.23
N PRO D 116 8.29 -26.15 -25.00
CA PRO D 116 8.74 -25.12 -24.09
C PRO D 116 9.99 -24.45 -24.61
N PRO D 117 10.31 -23.26 -24.14
CA PRO D 117 11.55 -22.60 -24.55
C PRO D 117 12.76 -23.42 -24.12
N ALA D 118 13.89 -23.15 -24.79
CA ALA D 118 15.07 -23.99 -24.63
C ALA D 118 15.52 -24.07 -23.17
N GLN D 119 15.28 -23.03 -22.38
CA GLN D 119 15.61 -23.02 -20.96
C GLN D 119 14.50 -22.32 -20.20
N ASP D 120 14.25 -22.76 -18.96
CA ASP D 120 13.30 -22.08 -18.07
C ASP D 120 14.14 -21.25 -17.10
N GLU D 121 14.37 -19.99 -17.46
CA GLU D 121 15.34 -19.17 -16.75
C GLU D 121 14.94 -17.69 -16.77
N ALA D 122 15.19 -17.03 -15.64
CA ALA D 122 15.08 -15.58 -15.58
C ALA D 122 16.24 -14.95 -16.35
N ILE D 123 15.96 -13.81 -16.96
CA ILE D 123 16.99 -13.03 -17.67
C ILE D 123 16.99 -11.64 -17.05
N PRO D 124 17.73 -11.45 -15.96
CA PRO D 124 17.82 -10.11 -15.37
C PRO D 124 18.45 -9.13 -16.35
N ASP D 125 18.01 -7.88 -16.26
CA ASP D 125 18.56 -6.81 -17.08
C ASP D 125 19.88 -6.29 -16.51
C1 SIN E . -0.66 -4.36 3.82
O1 SIN E . -1.43 -3.70 4.56
O2 SIN E . 0.52 -4.53 4.20
C2 SIN E . -1.08 -4.96 2.50
C3 SIN E . -2.51 -4.55 2.18
C4 SIN E . -2.91 -5.01 0.80
O3 SIN E . -4.04 -4.74 0.37
O4 SIN E . -2.15 -5.66 0.04
H21 SIN E . -0.42 -4.61 1.71
H22 SIN E . -1.01 -6.04 2.55
H31 SIN E . -3.18 -4.99 2.91
H32 SIN E . -2.61 -3.47 2.24
C1 GOL F . 5.71 8.25 9.81
O1 GOL F . 5.58 9.13 10.89
C2 GOL F . 5.53 8.97 8.45
O2 GOL F . 5.26 10.35 8.61
C3 GOL F . 4.43 8.36 7.60
O3 GOL F . 4.99 7.61 6.55
H11 GOL F . 6.71 7.80 9.83
H12 GOL F . 4.98 7.46 9.88
HO1 GOL F . 5.64 8.62 11.73
H2 GOL F . 6.46 8.86 7.90
HO2 GOL F . 5.24 10.77 7.73
H31 GOL F . 3.80 7.72 8.22
H32 GOL F . 3.80 9.15 7.19
HO3 GOL F . 5.46 8.21 5.94
C1 SIN G . 8.49 16.47 6.32
O1 SIN G . 7.34 16.33 6.81
O2 SIN G . 9.45 16.21 7.06
C2 SIN G . 8.80 16.97 4.92
C3 SIN G . 7.63 17.35 4.03
C4 SIN G . 8.16 18.03 2.78
O3 SIN G . 7.37 18.60 2.00
O4 SIN G . 9.38 18.05 2.54
H21 SIN G . 9.46 17.83 5.01
H22 SIN G . 9.37 16.19 4.40
H31 SIN G . 6.96 18.03 4.57
H32 SIN G . 7.07 16.46 3.76
C1 GOL H . -1.78 1.91 -11.68
O1 GOL H . -0.62 2.20 -10.92
C2 GOL H . -1.49 1.12 -12.97
O2 GOL H . -0.97 1.96 -13.97
C3 GOL H . -2.73 0.46 -13.55
O3 GOL H . -2.49 -0.33 -14.71
H11 GOL H . -2.27 2.84 -11.95
H12 GOL H . -2.47 1.34 -11.06
HO1 GOL H . -0.86 2.76 -10.15
H2 GOL H . -0.76 0.34 -12.73
HO2 GOL H . -0.75 1.43 -14.76
H31 GOL H . -3.19 -0.19 -12.79
H32 GOL H . -3.47 1.22 -13.79
HO3 GOL H . -3.34 -0.69 -15.05
C1 SIN I . 0.17 7.24 -18.61
O1 SIN I . -0.48 6.90 -19.67
O2 SIN I . 0.96 6.44 -18.05
C2 SIN I . 0.07 8.62 -17.96
C3 SIN I . 1.37 8.89 -17.18
C4 SIN I . 1.64 10.35 -16.83
O3 SIN I . 0.76 11.23 -16.95
O4 SIN I . 2.76 10.71 -16.39
H21 SIN I . -0.07 9.38 -18.73
H22 SIN I . -0.78 8.64 -17.29
H31 SIN I . 1.35 8.32 -16.25
H32 SIN I . 2.21 8.52 -17.76
C1 SIN J . -18.65 2.65 6.92
O1 SIN J . -18.19 3.69 7.41
O2 SIN J . -18.17 1.55 7.27
C2 SIN J . -19.80 2.70 5.93
C3 SIN J . -19.64 3.95 5.08
C4 SIN J . -20.27 3.73 3.72
O3 SIN J . -21.43 4.10 3.47
O4 SIN J . -19.60 3.17 2.83
H21 SIN J . -20.74 2.73 6.46
H22 SIN J . -19.77 1.81 5.30
H31 SIN J . -20.11 4.80 5.58
H32 SIN J . -18.58 4.18 4.96
C1 SIN K . 8.01 18.23 21.76
O1 SIN K . 8.63 17.90 20.74
O2 SIN K . 7.45 17.33 22.40
C2 SIN K . 7.93 19.66 22.20
C3 SIN K . 8.69 20.55 21.24
C4 SIN K . 8.51 21.98 21.67
O3 SIN K . 8.96 22.94 21.00
O4 SIN K . 7.88 22.24 22.73
H21 SIN K . 6.90 19.98 22.24
H22 SIN K . 8.36 19.75 23.20
H31 SIN K . 9.76 20.29 21.25
H32 SIN K . 8.32 20.42 20.23
C1 GOL L . -0.66 8.76 13.22
O1 GOL L . 0.30 7.78 12.85
C2 GOL L . -0.69 10.00 12.30
O2 GOL L . -1.58 9.78 11.23
C3 GOL L . -1.13 11.23 13.11
O3 GOL L . -1.61 12.27 12.26
H11 GOL L . -0.47 9.08 14.23
H12 GOL L . -1.65 8.29 13.20
HO1 GOL L . 0.31 7.06 13.52
H2 GOL L . 0.31 10.17 11.92
HO2 GOL L . -2.49 9.64 11.58
H31 GOL L . -0.29 11.60 13.69
H32 GOL L . -1.92 10.94 13.80
HO3 GOL L . -1.70 13.09 12.78
C1 GOL M . 3.31 -4.39 -14.26
O1 GOL M . 2.09 -5.00 -14.66
C2 GOL M . 3.82 -3.82 -15.59
O2 GOL M . 3.41 -4.70 -16.61
C3 GOL M . 5.33 -3.64 -15.69
O3 GOL M . 5.73 -3.40 -17.05
H11 GOL M . 3.12 -3.59 -13.54
H12 GOL M . 4.00 -5.11 -13.84
HO1 GOL M . 1.70 -5.47 -13.89
H2 GOL M . 3.36 -2.84 -15.75
HO2 GOL M . 3.64 -4.33 -17.48
H31 GOL M . 5.64 -2.80 -15.07
H32 GOL M . 5.84 -4.53 -15.32
HO3 GOL M . 5.69 -4.24 -17.55
C1 GOL N . 20.25 -13.07 -23.16
O1 GOL N . 19.74 -11.78 -22.95
C2 GOL N . 19.07 -14.03 -23.16
O2 GOL N . 19.40 -15.25 -22.52
C3 GOL N . 18.63 -14.28 -24.60
O3 GOL N . 17.47 -15.06 -24.58
H11 GOL N . 20.94 -13.34 -22.35
H12 GOL N . 20.78 -13.12 -24.11
HO1 GOL N . 20.48 -11.14 -22.87
H2 GOL N . 18.24 -13.56 -22.62
HO2 GOL N . 18.62 -15.84 -22.52
H31 GOL N . 18.42 -13.32 -25.09
H32 GOL N . 19.42 -14.78 -25.15
HO3 GOL N . 17.42 -15.58 -25.41
C1 SIN O . 9.64 -5.79 -9.84
O1 SIN O . 9.07 -4.69 -9.89
O2 SIN O . 9.02 -6.77 -9.35
C2 SIN O . 11.01 -5.97 -10.46
C3 SIN O . 12.25 -5.79 -9.61
C4 SIN O . 13.25 -6.85 -10.04
O3 SIN O . 14.42 -6.56 -10.38
O4 SIN O . 12.93 -8.05 -10.08
H21 SIN O . 11.05 -6.96 -10.91
H22 SIN O . 11.08 -5.26 -11.29
H31 SIN O . 12.00 -5.92 -8.55
H32 SIN O . 12.68 -4.80 -9.75
#